data_6SBE
#
_entry.id   6SBE
#
_cell.length_a   47.770
_cell.length_b   77.320
_cell.length_c   91.170
_cell.angle_alpha   90.000
_cell.angle_beta   90.000
_cell.angle_gamma   90.000
#
_symmetry.space_group_name_H-M   'P 21 21 21'
#
loop_
_entity.id
_entity.type
_entity.pdbx_description
1 polymer MstE
2 non-polymer GLYCEROL
3 non-polymer DI(HYDROXYETHYL)ETHER
4 non-polymer 'geranylgeranyl dihydroxybenzoate'
5 water water
#
_entity_poly.entity_id   1
_entity_poly.type   'polypeptide(L)'
_entity_poly.pdbx_seq_one_letter_code
;GSTLQPLENSTRQEKLLYPKLNQLSNSINAAVAFLLEARNLEGWWQDFNFPQAASIGDEWVTAYVGTMLATLPYAHVHEA
LMQAWELLKIRDHRPTGEWGYNYILCGDANTTGWALQLAAAVGASDSERAQQARAALATHLQPNGGIATFAEESIRAYIK
VPDLANVSFQGWCGAHTCVSAAVAALPEFRSRLHDYLRVTQTSQGNWEGYWWSDHEYTTALTAEALAAGGQAADQPSIEQ
AVAWGLKRLCPQGFVATSKHPNGSTFATAWCLRLLLLNTVDAEVKAARAAAIGWLLEQQRPNGSWVSSAYLRIPYPFDRN
PNQFPHWRYYDEIEGDKRFEGSIIFDHNSIFTTATVVNSLVKAAPML
;
_entity_poly.pdbx_strand_id   A
#
loop_
_chem_comp.id
_chem_comp.type
_chem_comp.name
_chem_comp.formula
GOL non-polymer GLYCEROL 'C3 H8 O3'
L4E non-polymer 'geranylgeranyl dihydroxybenzoate' 'C27 H38 O4'
PEG non-polymer DI(HYDROXYETHYL)ETHER 'C4 H10 O3'
#
# COMPACT_ATOMS: atom_id res chain seq x y z
N LEU A 16 -4.64 30.29 -8.85
CA LEU A 16 -3.51 29.28 -8.96
C LEU A 16 -2.18 30.00 -8.75
N LEU A 17 -1.41 29.49 -7.83
CA LEU A 17 -0.11 30.09 -7.50
C LEU A 17 0.98 29.34 -8.30
N TYR A 18 1.46 29.89 -9.42
CA TYR A 18 2.43 29.18 -10.31
C TYR A 18 3.66 28.77 -9.51
N PRO A 19 4.13 29.52 -8.49
CA PRO A 19 5.25 29.02 -7.69
C PRO A 19 4.94 27.69 -7.02
N LYS A 20 3.69 27.47 -6.58
CA LYS A 20 3.34 26.20 -5.89
C LYS A 20 3.31 25.09 -6.96
N LEU A 21 2.79 25.34 -8.15
CA LEU A 21 2.83 24.31 -9.20
C LEU A 21 4.28 23.96 -9.53
N ASN A 22 5.15 24.96 -9.65
CA ASN A 22 6.56 24.73 -10.02
C ASN A 22 7.22 24.02 -8.84
N GLN A 23 6.87 24.35 -7.62
CA GLN A 23 7.47 23.62 -6.45
C GLN A 23 7.00 22.17 -6.47
N LEU A 24 5.73 21.93 -6.82
CA LEU A 24 5.30 20.53 -6.98
C LEU A 24 6.20 19.83 -8.00
N SER A 25 6.45 20.44 -9.15
CA SER A 25 7.35 19.83 -10.17
C SER A 25 8.70 19.51 -9.54
N ASN A 26 9.29 20.49 -8.88
CA ASN A 26 10.64 20.32 -8.31
C ASN A 26 10.64 19.24 -7.24
N SER A 27 9.63 19.20 -6.40
CA SER A 27 9.47 18.20 -5.33
C SER A 27 9.35 16.82 -5.91
N ILE A 28 8.49 16.67 -6.88
CA ILE A 28 8.25 15.36 -7.52
C ILE A 28 9.57 14.92 -8.19
N ASN A 29 10.24 15.83 -8.91
CA ASN A 29 11.47 15.41 -9.61
C ASN A 29 12.56 14.97 -8.62
N ALA A 30 12.68 15.68 -7.50
CA ALA A 30 13.69 15.31 -6.49
C ALA A 30 13.38 13.94 -5.94
N ALA A 31 12.11 13.64 -5.71
CA ALA A 31 11.69 12.32 -5.16
C ALA A 31 11.94 11.24 -6.21
N VAL A 32 11.61 11.50 -7.45
CA VAL A 32 11.85 10.50 -8.51
C VAL A 32 13.37 10.21 -8.58
N ALA A 33 14.20 11.24 -8.52
CA ALA A 33 15.64 11.03 -8.58
C ALA A 33 16.07 10.18 -7.37
N PHE A 34 15.60 10.50 -6.19
CA PHE A 34 15.89 9.69 -4.98
C PHE A 34 15.54 8.23 -5.25
N LEU A 35 14.34 7.99 -5.73
CA LEU A 35 13.82 6.62 -5.87
C LEU A 35 14.62 5.90 -6.95
N LEU A 36 14.95 6.53 -8.07
CA LEU A 36 15.70 5.79 -9.11
C LEU A 36 17.11 5.47 -8.61
N GLU A 37 17.73 6.38 -7.86
CA GLU A 37 19.10 6.13 -7.35
C GLU A 37 19.08 5.09 -6.24
N ALA A 38 17.93 4.89 -5.59
CA ALA A 38 17.82 3.99 -4.41
C ALA A 38 17.65 2.52 -4.77
N ARG A 39 17.67 2.20 -6.04
CA ARG A 39 17.60 0.79 -6.48
C ARG A 39 18.95 0.07 -6.21
N ASN A 40 18.88 -1.25 -6.04
CA ASN A 40 20.09 -2.06 -5.81
C ASN A 40 20.75 -2.43 -7.13
N LEU A 41 21.81 -3.26 -7.01
CA LEU A 41 22.68 -3.83 -8.09
C LEU A 41 21.83 -4.21 -9.31
N GLU A 42 20.80 -5.03 -9.13
CA GLU A 42 20.05 -5.60 -10.28
C GLU A 42 18.92 -4.64 -10.65
N GLY A 43 18.60 -3.69 -9.77
CA GLY A 43 17.49 -2.77 -10.07
C GLY A 43 16.25 -2.88 -9.22
N TRP A 44 16.27 -3.69 -8.18
CA TRP A 44 15.14 -3.77 -7.24
C TRP A 44 15.07 -2.56 -6.35
N TRP A 45 13.84 -2.17 -6.00
CA TRP A 45 13.56 -1.40 -4.79
C TRP A 45 13.42 -2.34 -3.60
N GLN A 46 14.12 -2.03 -2.52
CA GLN A 46 14.14 -2.84 -1.29
C GLN A 46 13.68 -1.98 -0.12
N ASP A 47 12.89 -2.57 0.77
CA ASP A 47 12.55 -1.90 2.04
C ASP A 47 11.94 -2.89 3.01
N PHE A 48 11.90 -2.47 4.27
CA PHE A 48 11.45 -3.25 5.43
C PHE A 48 12.51 -4.30 5.75
N ASN A 49 12.57 -4.72 7.00
CA ASN A 49 13.57 -5.73 7.41
C ASN A 49 13.07 -6.50 8.62
N PHE A 50 13.11 -7.81 8.49
CA PHE A 50 12.98 -8.73 9.63
C PHE A 50 14.37 -9.27 9.95
N PRO A 51 15.08 -8.62 10.86
CA PRO A 51 16.50 -8.91 11.01
C PRO A 51 16.74 -10.35 11.47
N GLN A 52 17.78 -10.96 10.89
CA GLN A 52 18.21 -12.34 11.21
C GLN A 52 17.08 -13.31 10.94
N ALA A 53 16.12 -12.92 10.10
CA ALA A 53 14.96 -13.78 9.80
C ALA A 53 14.57 -13.59 8.33
N ALA A 54 13.35 -13.14 8.06
CA ALA A 54 12.86 -13.02 6.68
C ALA A 54 13.64 -11.95 5.91
N SER A 55 14.38 -11.07 6.58
CA SER A 55 15.25 -10.13 5.85
C SER A 55 14.40 -9.08 5.12
N ILE A 56 14.88 -8.59 4.00
CA ILE A 56 14.43 -7.31 3.36
C ILE A 56 13.45 -7.57 2.23
N GLY A 57 12.41 -6.77 2.19
CA GLY A 57 11.43 -6.86 1.11
C GLY A 57 12.00 -6.48 -0.24
N ASP A 58 11.61 -7.17 -1.30
CA ASP A 58 12.01 -6.75 -2.67
C ASP A 58 10.85 -6.90 -3.65
N GLU A 59 10.33 -8.09 -3.86
CA GLU A 59 9.26 -8.28 -4.86
C GLU A 59 8.08 -7.36 -4.48
N TRP A 60 7.68 -7.38 -3.22
CA TRP A 60 6.55 -6.56 -2.77
C TRP A 60 6.86 -5.07 -2.96
N VAL A 61 8.00 -4.64 -2.44
CA VAL A 61 8.34 -3.21 -2.44
C VAL A 61 8.47 -2.72 -3.88
N THR A 62 9.03 -3.51 -4.75
CA THR A 62 9.21 -3.17 -6.17
C THR A 62 7.85 -3.08 -6.86
N ALA A 63 7.00 -4.04 -6.62
CA ALA A 63 5.64 -4.01 -7.22
C ALA A 63 4.92 -2.74 -6.77
N TYR A 64 4.98 -2.41 -5.50
CA TYR A 64 4.32 -1.23 -4.96
C TYR A 64 4.94 0.05 -5.52
N VAL A 65 6.24 0.20 -5.42
CA VAL A 65 6.90 1.43 -5.90
C VAL A 65 6.64 1.60 -7.39
N GLY A 66 6.80 0.53 -8.14
CA GLY A 66 6.58 0.67 -9.59
C GLY A 66 5.16 1.13 -9.87
N THR A 67 4.17 0.54 -9.17
CA THR A 67 2.79 0.97 -9.38
C THR A 67 2.65 2.44 -8.99
N MET A 68 3.22 2.87 -7.88
CA MET A 68 3.15 4.28 -7.48
C MET A 68 3.69 5.19 -8.56
N LEU A 69 4.80 4.79 -9.19
CA LEU A 69 5.45 5.65 -10.19
C LEU A 69 4.81 5.55 -11.58
N ALA A 70 3.86 4.68 -11.77
CA ALA A 70 3.21 4.51 -13.09
C ALA A 70 2.43 5.78 -13.47
N THR A 71 2.11 6.66 -12.50
CA THR A 71 1.37 7.91 -12.77
C THR A 71 2.28 8.97 -13.42
N LEU A 72 3.59 8.77 -13.50
CA LEU A 72 4.48 9.77 -14.11
C LEU A 72 4.59 9.60 -15.60
N PRO A 73 4.63 10.68 -16.40
N PRO A 73 4.58 10.71 -16.34
CA PRO A 73 4.69 10.58 -17.86
CA PRO A 73 4.68 10.70 -17.80
C PRO A 73 6.09 10.29 -18.44
C PRO A 73 6.13 10.91 -18.25
N TYR A 74 7.06 10.22 -17.58
CA TYR A 74 8.49 10.29 -17.94
C TYR A 74 8.95 8.97 -18.57
N ALA A 75 9.65 9.08 -19.69
CA ALA A 75 10.16 7.90 -20.40
C ALA A 75 11.12 7.12 -19.52
N HIS A 76 11.97 7.81 -18.77
CA HIS A 76 12.99 7.09 -17.97
C HIS A 76 12.32 6.39 -16.80
N VAL A 77 11.20 6.91 -16.32
CA VAL A 77 10.44 6.18 -15.28
C VAL A 77 9.80 4.95 -15.90
N HIS A 78 9.19 5.10 -17.09
CA HIS A 78 8.59 3.92 -17.74
C HIS A 78 9.65 2.84 -17.95
N GLU A 79 10.86 3.24 -18.34
CA GLU A 79 11.97 2.26 -18.49
C GLU A 79 12.28 1.55 -17.18
N ALA A 80 12.26 2.26 -16.07
CA ALA A 80 12.46 1.67 -14.74
C ALA A 80 11.37 0.66 -14.45
N LEU A 81 10.13 0.99 -14.81
CA LEU A 81 9.00 0.06 -14.57
C LEU A 81 9.09 -1.18 -15.46
N MET A 82 9.51 -1.00 -16.70
N MET A 82 9.52 -1.02 -16.70
CA MET A 82 9.78 -2.15 -17.61
CA MET A 82 9.74 -2.20 -17.56
C MET A 82 10.85 -3.06 -16.97
C MET A 82 10.85 -3.08 -16.97
N GLN A 83 11.91 -2.48 -16.43
CA GLN A 83 12.96 -3.29 -15.78
C GLN A 83 12.41 -3.97 -14.54
N ALA A 84 11.61 -3.27 -13.76
CA ALA A 84 11.00 -3.87 -12.56
C ALA A 84 10.16 -5.10 -12.96
N TRP A 85 9.41 -4.99 -14.03
CA TRP A 85 8.59 -6.13 -14.49
C TRP A 85 9.51 -7.30 -14.94
N GLU A 86 10.56 -7.00 -15.65
CA GLU A 86 11.51 -8.07 -16.05
C GLU A 86 12.08 -8.76 -14.80
N LEU A 87 12.40 -8.00 -13.76
CA LEU A 87 12.90 -8.60 -12.51
C LEU A 87 11.83 -9.51 -11.92
N LEU A 88 10.59 -9.05 -11.89
CA LEU A 88 9.48 -9.84 -11.33
C LEU A 88 9.30 -11.13 -12.15
N LYS A 89 9.44 -11.05 -13.46
CA LYS A 89 9.27 -12.27 -14.28
C LYS A 89 10.35 -13.32 -13.99
N ILE A 90 11.56 -12.87 -13.67
CA ILE A 90 12.65 -13.80 -13.30
C ILE A 90 12.39 -14.47 -11.95
N ARG A 91 11.53 -13.91 -11.08
CA ARG A 91 11.10 -14.54 -9.79
C ARG A 91 9.97 -15.51 -10.10
N ASP A 92 10.32 -16.59 -10.78
CA ASP A 92 9.37 -17.61 -11.28
C ASP A 92 9.55 -18.95 -10.57
N HIS A 93 10.03 -18.91 -9.34
CA HIS A 93 10.39 -20.13 -8.61
C HIS A 93 9.22 -20.76 -7.87
N ARG A 94 8.10 -20.05 -7.72
CA ARG A 94 7.00 -20.60 -6.92
C ARG A 94 6.01 -21.28 -7.87
N PRO A 95 5.54 -22.49 -7.56
CA PRO A 95 4.69 -23.24 -8.48
C PRO A 95 3.34 -22.61 -8.77
N THR A 96 2.87 -21.74 -7.87
CA THR A 96 1.58 -21.04 -8.06
C THR A 96 1.70 -19.87 -9.04
N GLY A 97 2.90 -19.39 -9.31
CA GLY A 97 3.07 -18.17 -10.12
C GLY A 97 2.94 -16.91 -9.29
N GLU A 98 2.76 -17.02 -7.98
N GLU A 98 2.76 -17.01 -7.99
CA GLU A 98 2.64 -15.84 -7.09
CA GLU A 98 2.66 -15.80 -7.14
C GLU A 98 4.00 -15.15 -6.90
C GLU A 98 4.00 -15.14 -6.92
N TRP A 99 3.95 -13.91 -6.47
CA TRP A 99 5.07 -13.20 -5.87
C TRP A 99 4.85 -13.13 -4.35
N GLY A 100 5.93 -12.84 -3.64
CA GLY A 100 5.90 -12.72 -2.19
C GLY A 100 6.75 -11.59 -1.66
N TYR A 101 6.95 -11.58 -0.36
CA TYR A 101 7.66 -10.45 0.30
C TYR A 101 9.05 -10.31 -0.34
N ASN A 102 9.74 -11.45 -0.46
CA ASN A 102 11.06 -11.53 -1.11
C ASN A 102 11.24 -12.99 -1.55
N TYR A 103 12.44 -13.34 -2.04
CA TYR A 103 12.63 -14.65 -2.67
C TYR A 103 12.29 -15.80 -1.72
N ILE A 104 12.68 -15.67 -0.46
CA ILE A 104 12.63 -16.79 0.50
C ILE A 104 11.21 -16.99 1.06
N LEU A 105 10.34 -16.03 0.88
CA LEU A 105 8.94 -16.17 1.35
C LEU A 105 8.10 -16.90 0.31
N CYS A 106 7.04 -17.50 0.84
CA CYS A 106 5.99 -18.04 -0.03
C CYS A 106 5.24 -16.89 -0.71
N GLY A 107 4.42 -17.26 -1.67
CA GLY A 107 3.60 -16.24 -2.32
C GLY A 107 2.57 -15.66 -1.38
N ASP A 108 2.14 -14.44 -1.71
CA ASP A 108 1.00 -13.89 -0.98
C ASP A 108 0.17 -13.04 -1.96
N ALA A 109 -1.09 -12.87 -1.58
CA ALA A 109 -2.07 -12.20 -2.46
C ALA A 109 -1.78 -10.70 -2.56
N ASN A 110 -1.21 -10.10 -1.53
CA ASN A 110 -0.94 -8.66 -1.60
C ASN A 110 0.18 -8.32 -2.60
N THR A 111 1.32 -8.97 -2.41
CA THR A 111 2.41 -8.77 -3.35
C THR A 111 1.89 -9.04 -4.78
N THR A 112 1.18 -10.15 -4.94
CA THR A 112 0.72 -10.59 -6.28
C THR A 112 -0.22 -9.52 -6.87
N GLY A 113 -1.12 -9.00 -6.07
CA GLY A 113 -2.03 -7.98 -6.61
C GLY A 113 -1.29 -6.71 -7.03
N TRP A 114 -0.32 -6.27 -6.24
CA TRP A 114 0.46 -5.08 -6.66
C TRP A 114 1.31 -5.37 -7.90
N ALA A 115 1.89 -6.57 -7.99
CA ALA A 115 2.70 -6.93 -9.17
C ALA A 115 1.82 -6.88 -10.42
N LEU A 116 0.56 -7.27 -10.29
CA LEU A 116 -0.37 -7.27 -11.44
C LEU A 116 -0.75 -5.84 -11.82
N GLN A 117 -0.80 -4.92 -10.84
CA GLN A 117 -1.01 -3.49 -11.20
C GLN A 117 0.20 -2.97 -11.98
N LEU A 118 1.41 -3.35 -11.56
CA LEU A 118 2.60 -2.94 -12.34
C LEU A 118 2.54 -3.55 -13.74
N ALA A 119 2.17 -4.83 -13.83
CA ALA A 119 2.06 -5.48 -15.16
C ALA A 119 1.14 -4.66 -16.07
N ALA A 120 0.03 -4.17 -15.53
CA ALA A 120 -0.90 -3.40 -16.41
C ALA A 120 -0.17 -2.15 -16.92
N ALA A 121 0.56 -1.47 -16.05
CA ALA A 121 1.24 -0.24 -16.45
C ALA A 121 2.26 -0.47 -17.58
N VAL A 122 2.81 -1.67 -17.65
CA VAL A 122 3.79 -1.97 -18.71
C VAL A 122 3.20 -2.88 -19.82
N GLY A 123 1.86 -2.95 -19.90
CA GLY A 123 1.23 -3.61 -21.03
C GLY A 123 1.33 -5.12 -20.97
N ALA A 124 1.52 -5.68 -19.78
CA ALA A 124 1.77 -7.12 -19.60
C ALA A 124 0.63 -7.82 -18.87
N SER A 125 -0.54 -7.19 -18.78
N SER A 125 -0.53 -7.19 -18.71
CA SER A 125 -1.68 -7.81 -18.05
CA SER A 125 -1.62 -7.84 -17.94
C SER A 125 -2.05 -9.14 -18.67
C SER A 125 -2.11 -9.08 -18.70
N ASP A 126 -1.86 -9.30 -19.98
N ASP A 126 -1.83 -9.18 -20.00
CA ASP A 126 -2.32 -10.53 -20.65
CA ASP A 126 -2.27 -10.31 -20.83
C ASP A 126 -1.15 -11.46 -20.90
C ASP A 126 -1.15 -11.37 -20.95
N SER A 127 0.00 -11.17 -20.28
CA SER A 127 1.14 -12.09 -20.38
C SER A 127 0.77 -13.43 -19.73
N GLU A 128 1.47 -14.48 -20.14
CA GLU A 128 1.30 -15.82 -19.53
C GLU A 128 1.48 -15.70 -18.01
N ARG A 129 2.56 -15.03 -17.56
CA ARG A 129 2.80 -14.97 -16.11
C ARG A 129 1.69 -14.22 -15.39
N ALA A 130 1.27 -13.10 -15.95
CA ALA A 130 0.17 -12.35 -15.30
C ALA A 130 -1.10 -13.21 -15.21
N GLN A 131 -1.43 -13.93 -16.28
CA GLN A 131 -2.63 -14.79 -16.26
C GLN A 131 -2.49 -15.84 -15.15
N GLN A 132 -1.29 -16.41 -15.00
CA GLN A 132 -1.08 -17.45 -13.96
C GLN A 132 -1.22 -16.84 -12.58
N ALA A 133 -0.59 -15.68 -12.37
CA ALA A 133 -0.66 -15.04 -11.05
C ALA A 133 -2.09 -14.60 -10.70
N ARG A 134 -2.83 -14.09 -11.69
CA ARG A 134 -4.23 -13.70 -11.45
C ARG A 134 -5.06 -14.92 -11.10
N ALA A 135 -4.83 -16.06 -11.77
CA ALA A 135 -5.49 -17.32 -11.40
C ALA A 135 -5.18 -17.70 -9.95
N ALA A 136 -3.93 -17.57 -9.58
CA ALA A 136 -3.51 -17.91 -8.22
C ALA A 136 -4.24 -17.05 -7.18
N LEU A 137 -4.51 -15.80 -7.50
CA LEU A 137 -5.27 -14.94 -6.55
C LEU A 137 -6.62 -15.57 -6.24
N ALA A 138 -7.23 -16.21 -7.22
CA ALA A 138 -8.56 -16.76 -6.99
C ALA A 138 -8.51 -17.78 -5.86
N THR A 139 -7.39 -18.46 -5.67
N THR A 139 -7.37 -18.48 -5.64
CA THR A 139 -7.32 -19.47 -4.59
CA THR A 139 -7.23 -19.50 -4.55
C THR A 139 -7.52 -18.82 -3.23
C THR A 139 -7.31 -18.86 -3.18
N HIS A 140 -7.13 -17.55 -3.10
CA HIS A 140 -7.14 -16.81 -1.85
C HIS A 140 -8.51 -16.20 -1.51
N LEU A 141 -9.48 -16.33 -2.39
CA LEU A 141 -10.85 -15.88 -2.12
C LEU A 141 -11.46 -16.69 -0.99
N GLN A 142 -12.07 -15.98 -0.03
CA GLN A 142 -12.68 -16.58 1.17
C GLN A 142 -14.18 -16.68 1.01
N PRO A 143 -14.79 -17.56 1.80
CA PRO A 143 -16.26 -17.70 1.80
C PRO A 143 -17.03 -16.40 2.10
N ASN A 144 -16.39 -15.42 2.75
CA ASN A 144 -17.07 -14.12 3.01
C ASN A 144 -16.84 -13.12 1.89
N GLY A 145 -16.16 -13.49 0.83
CA GLY A 145 -16.05 -12.65 -0.37
C GLY A 145 -14.82 -11.78 -0.46
N GLY A 146 -13.99 -11.81 0.58
CA GLY A 146 -12.69 -11.14 0.61
C GLY A 146 -11.49 -12.04 0.25
N ILE A 147 -10.33 -11.44 0.21
CA ILE A 147 -9.06 -12.12 -0.18
C ILE A 147 -8.19 -12.22 1.08
N ALA A 148 -7.68 -13.43 1.32
CA ALA A 148 -6.69 -13.73 2.38
C ALA A 148 -5.27 -13.49 1.86
N THR A 149 -4.38 -13.02 2.73
CA THR A 149 -2.97 -12.81 2.33
C THR A 149 -2.27 -14.15 1.98
N PHE A 150 -2.34 -15.10 2.89
CA PHE A 150 -1.58 -16.33 2.80
C PHE A 150 -2.51 -17.53 2.72
N ALA A 151 -1.99 -18.57 2.07
CA ALA A 151 -2.41 -19.97 2.18
C ALA A 151 -1.77 -20.55 3.42
N GLU A 152 -2.54 -21.22 4.24
CA GLU A 152 -2.04 -21.72 5.54
C GLU A 152 -0.83 -22.64 5.38
N GLU A 153 -0.91 -23.65 4.51
CA GLU A 153 0.16 -24.66 4.38
C GLU A 153 1.45 -23.91 4.01
N SER A 154 1.36 -22.93 3.11
CA SER A 154 2.55 -22.23 2.57
C SER A 154 3.23 -21.45 3.67
N ILE A 155 2.48 -20.66 4.43
CA ILE A 155 3.12 -19.78 5.45
C ILE A 155 3.53 -20.63 6.67
N ARG A 156 2.75 -21.65 7.03
CA ARG A 156 3.19 -22.57 8.10
C ARG A 156 4.53 -23.23 7.69
N ALA A 157 4.72 -23.57 6.41
CA ALA A 157 5.95 -24.27 5.97
C ALA A 157 7.14 -23.33 6.14
N TYR A 158 6.95 -22.03 5.95
CA TYR A 158 8.02 -21.02 6.08
C TYR A 158 8.36 -20.84 7.57
N ILE A 159 7.36 -20.67 8.43
CA ILE A 159 7.57 -20.33 9.87
C ILE A 159 8.15 -21.53 10.63
N LYS A 160 9.21 -21.28 11.37
CA LYS A 160 9.90 -22.35 12.15
C LYS A 160 10.14 -21.84 13.56
N VAL A 161 9.08 -21.37 14.22
CA VAL A 161 9.10 -20.82 15.59
C VAL A 161 8.37 -21.81 16.48
N PRO A 162 9.04 -22.44 17.46
CA PRO A 162 8.41 -23.50 18.25
C PRO A 162 7.08 -23.11 18.88
N ASP A 163 6.99 -21.93 19.51
CA ASP A 163 5.72 -21.56 20.22
C ASP A 163 4.62 -21.18 19.23
N LEU A 164 4.87 -21.21 17.91
CA LEU A 164 3.81 -20.96 16.90
C LEU A 164 3.43 -22.26 16.17
N ALA A 165 4.12 -23.37 16.43
CA ALA A 165 3.91 -24.60 15.62
C ALA A 165 2.46 -25.07 15.74
N ASN A 166 1.84 -24.88 16.90
CA ASN A 166 0.52 -25.43 17.25
C ASN A 166 -0.53 -24.34 17.35
N VAL A 167 -0.25 -23.12 16.94
CA VAL A 167 -1.29 -22.05 17.04
C VAL A 167 -2.08 -21.99 15.74
N SER A 168 -3.27 -21.47 15.86
CA SER A 168 -4.07 -21.07 14.69
C SER A 168 -3.30 -20.07 13.81
N PHE A 169 -3.45 -20.22 12.49
CA PHE A 169 -3.02 -19.22 11.51
C PHE A 169 -4.23 -18.54 10.86
N GLN A 170 -5.40 -18.61 11.50
CA GLN A 170 -6.63 -18.06 10.87
C GLN A 170 -6.60 -16.53 10.82
N GLY A 171 -5.76 -15.88 11.62
CA GLY A 171 -5.54 -14.42 11.48
C GLY A 171 -4.84 -14.13 10.17
N TRP A 172 -3.69 -14.74 9.95
CA TRP A 172 -2.87 -14.48 8.74
C TRP A 172 -3.53 -15.04 7.48
N CYS A 173 -4.44 -16.02 7.60
CA CYS A 173 -5.00 -16.74 6.44
C CYS A 173 -6.51 -16.44 6.29
N GLY A 174 -7.01 -15.43 6.99
CA GLY A 174 -8.38 -14.93 6.80
C GLY A 174 -8.43 -13.77 5.82
N ALA A 175 -9.65 -13.37 5.46
CA ALA A 175 -9.85 -12.23 4.57
C ALA A 175 -9.33 -10.96 5.23
N HIS A 176 -8.61 -10.20 4.41
CA HIS A 176 -7.96 -8.94 4.85
C HIS A 176 -8.51 -7.79 3.99
N THR A 177 -9.00 -6.73 4.64
CA THR A 177 -9.59 -5.65 3.85
C THR A 177 -8.56 -4.86 3.04
N CYS A 178 -7.37 -4.66 3.59
CA CYS A 178 -6.27 -3.93 2.91
C CYS A 178 -5.87 -4.66 1.62
N VAL A 179 -5.76 -5.98 1.70
CA VAL A 179 -5.36 -6.79 0.54
C VAL A 179 -6.52 -6.86 -0.46
N SER A 180 -7.73 -7.03 0.07
CA SER A 180 -8.94 -7.09 -0.80
C SER A 180 -9.08 -5.79 -1.60
N ALA A 181 -8.81 -4.66 -0.94
CA ALA A 181 -8.94 -3.37 -1.63
C ALA A 181 -7.93 -3.28 -2.79
N ALA A 182 -6.70 -3.74 -2.54
CA ALA A 182 -5.64 -3.70 -3.55
C ALA A 182 -5.99 -4.63 -4.70
N VAL A 183 -6.46 -5.83 -4.41
CA VAL A 183 -6.83 -6.78 -5.48
C VAL A 183 -8.01 -6.21 -6.27
N ALA A 184 -8.89 -5.50 -5.60
CA ALA A 184 -10.05 -4.89 -6.31
C ALA A 184 -9.68 -3.77 -7.27
N ALA A 185 -8.42 -3.32 -7.26
CA ALA A 185 -7.85 -2.42 -8.29
C ALA A 185 -7.74 -3.15 -9.62
N LEU A 186 -7.77 -4.48 -9.60
CA LEU A 186 -7.71 -5.25 -10.85
C LEU A 186 -9.11 -5.43 -11.40
N PRO A 187 -9.37 -5.08 -12.66
CA PRO A 187 -10.73 -5.12 -13.18
C PRO A 187 -11.37 -6.50 -13.10
N GLU A 188 -10.57 -7.56 -13.19
CA GLU A 188 -11.05 -8.97 -13.16
C GLU A 188 -11.66 -9.32 -11.81
N PHE A 189 -11.24 -8.68 -10.73
CA PHE A 189 -11.69 -9.00 -9.36
C PHE A 189 -12.65 -7.96 -8.78
N ARG A 190 -12.76 -6.79 -9.40
CA ARG A 190 -13.44 -5.65 -8.76
C ARG A 190 -14.89 -6.07 -8.44
N SER A 191 -15.61 -6.65 -9.40
CA SER A 191 -17.02 -7.06 -9.23
C SER A 191 -17.18 -8.14 -8.14
N ARG A 192 -16.29 -9.11 -8.08
CA ARG A 192 -16.39 -10.22 -7.11
C ARG A 192 -16.17 -9.68 -5.69
N LEU A 193 -15.27 -8.69 -5.51
CA LEU A 193 -14.90 -8.20 -4.17
C LEU A 193 -15.86 -7.10 -3.68
N HIS A 194 -16.74 -6.62 -4.56
CA HIS A 194 -17.57 -5.43 -4.24
C HIS A 194 -18.36 -5.59 -2.92
N ASP A 195 -19.08 -6.68 -2.76
CA ASP A 195 -20.01 -6.77 -1.60
C ASP A 195 -19.18 -6.82 -0.31
N TYR A 196 -18.05 -7.56 -0.29
CA TYR A 196 -17.15 -7.61 0.87
C TYR A 196 -16.69 -6.18 1.19
N LEU A 197 -16.26 -5.44 0.19
CA LEU A 197 -15.80 -4.07 0.46
C LEU A 197 -16.95 -3.21 1.01
N ARG A 198 -18.14 -3.38 0.47
CA ARG A 198 -19.24 -2.54 1.01
C ARG A 198 -19.56 -2.89 2.49
N VAL A 199 -19.63 -4.17 2.82
CA VAL A 199 -20.11 -4.59 4.16
C VAL A 199 -19.08 -4.31 5.24
N THR A 200 -17.82 -4.11 4.86
CA THR A 200 -16.75 -3.89 5.85
C THR A 200 -16.55 -2.41 6.14
N GLN A 201 -17.27 -1.50 5.52
CA GLN A 201 -17.10 -0.06 5.87
C GLN A 201 -17.61 0.16 7.30
N THR A 202 -16.92 0.97 8.10
CA THR A 202 -17.32 1.28 9.46
C THR A 202 -18.46 2.29 9.44
N SER A 203 -19.08 2.46 10.62
CA SER A 203 -20.13 3.48 10.73
C SER A 203 -19.55 4.91 10.60
N GLN A 204 -18.24 5.09 10.75
CA GLN A 204 -17.58 6.40 10.62
C GLN A 204 -17.19 6.69 9.16
N GLY A 205 -17.31 5.71 8.27
CA GLY A 205 -17.03 5.91 6.84
C GLY A 205 -15.69 5.36 6.39
N ASN A 206 -14.86 4.93 7.32
CA ASN A 206 -13.55 4.40 6.93
C ASN A 206 -13.60 2.87 6.84
N TRP A 207 -12.48 2.33 6.39
CA TRP A 207 -12.16 0.90 6.50
C TRP A 207 -10.94 0.74 7.38
N GLU A 208 -10.77 -0.44 7.89
CA GLU A 208 -9.62 -0.81 8.74
C GLU A 208 -8.88 -1.96 8.05
N GLY A 209 -7.57 -1.89 8.02
CA GLY A 209 -6.77 -2.96 7.41
C GLY A 209 -6.29 -3.98 8.46
N TYR A 210 -5.57 -4.96 7.97
CA TYR A 210 -4.98 -6.01 8.81
C TYR A 210 -3.52 -5.70 9.14
N TRP A 211 -2.72 -5.52 8.11
CA TRP A 211 -1.25 -5.35 8.26
C TRP A 211 -0.86 -3.90 8.53
N TRP A 212 -1.67 -2.97 8.21
CA TRP A 212 -1.28 -1.53 8.27
C TRP A 212 -1.90 -0.88 9.51
N SER A 213 -1.13 -0.02 10.14
CA SER A 213 -1.58 0.79 11.28
C SER A 213 -2.52 1.88 10.75
N ASP A 214 -2.21 2.45 9.60
CA ASP A 214 -2.89 3.70 9.18
C ASP A 214 -4.10 3.38 8.30
N HIS A 215 -5.31 3.61 8.81
CA HIS A 215 -6.57 3.27 8.11
C HIS A 215 -6.71 4.06 6.82
N GLU A 216 -5.99 5.18 6.65
CA GLU A 216 -6.09 5.96 5.41
C GLU A 216 -5.70 5.11 4.19
N TYR A 217 -4.75 4.19 4.35
CA TYR A 217 -4.32 3.31 3.25
C TYR A 217 -5.52 2.46 2.77
N THR A 218 -6.15 1.72 3.68
CA THR A 218 -7.22 0.81 3.29
C THR A 218 -8.44 1.63 2.83
N THR A 219 -8.69 2.75 3.47
CA THR A 219 -9.85 3.57 3.13
C THR A 219 -9.70 4.11 1.71
N ALA A 220 -8.56 4.71 1.41
CA ALA A 220 -8.32 5.26 0.08
C ALA A 220 -8.46 4.14 -0.97
N LEU A 221 -7.76 3.03 -0.76
CA LEU A 221 -7.79 1.96 -1.78
C LEU A 221 -9.22 1.45 -1.97
N THR A 222 -9.94 1.28 -0.90
CA THR A 222 -11.31 0.72 -1.01
C THR A 222 -12.21 1.72 -1.74
N ALA A 223 -12.16 2.95 -1.31
CA ALA A 223 -12.99 3.98 -2.00
C ALA A 223 -12.63 4.10 -3.48
N GLU A 224 -11.33 3.97 -3.81
CA GLU A 224 -10.87 4.04 -5.20
C GLU A 224 -11.42 2.84 -5.99
N ALA A 225 -11.48 1.65 -5.39
CA ALA A 225 -12.01 0.49 -6.11
C ALA A 225 -13.52 0.68 -6.36
N LEU A 226 -14.22 1.19 -5.36
CA LEU A 226 -15.67 1.46 -5.54
C LEU A 226 -15.87 2.52 -6.64
N ALA A 227 -15.06 3.56 -6.61
CA ALA A 227 -15.18 4.63 -7.63
C ALA A 227 -14.93 4.06 -9.04
N ALA A 228 -13.94 3.17 -9.16
CA ALA A 228 -13.55 2.62 -10.47
C ALA A 228 -14.67 1.75 -11.04
N GLY A 229 -15.52 1.16 -10.19
CA GLY A 229 -16.62 0.33 -10.72
C GLY A 229 -17.74 1.16 -11.30
N GLY A 230 -17.81 2.45 -10.99
CA GLY A 230 -18.82 3.34 -11.63
C GLY A 230 -20.26 3.09 -11.21
N GLN A 231 -20.51 2.30 -10.17
CA GLN A 231 -21.92 2.07 -9.73
C GLN A 231 -22.36 3.25 -8.86
N ALA A 232 -23.45 3.90 -9.21
CA ALA A 232 -24.01 5.00 -8.41
C ALA A 232 -24.35 4.54 -7.01
N ALA A 233 -24.70 3.27 -6.83
CA ALA A 233 -25.06 2.78 -5.50
C ALA A 233 -23.90 2.90 -4.51
N ASP A 234 -22.66 2.97 -5.01
CA ASP A 234 -21.46 3.04 -4.18
C ASP A 234 -21.05 4.48 -3.86
N GLN A 235 -21.67 5.46 -4.54
CA GLN A 235 -21.21 6.85 -4.39
C GLN A 235 -21.44 7.33 -2.95
N PRO A 236 -22.57 7.03 -2.26
CA PRO A 236 -22.69 7.46 -0.87
C PRO A 236 -21.56 6.97 0.03
N SER A 237 -21.18 5.73 -0.15
CA SER A 237 -20.06 5.12 0.61
C SER A 237 -18.75 5.89 0.37
N ILE A 238 -18.51 6.22 -0.88
CA ILE A 238 -17.30 7.00 -1.24
C ILE A 238 -17.34 8.35 -0.55
N GLU A 239 -18.49 9.01 -0.62
CA GLU A 239 -18.58 10.37 -0.03
C GLU A 239 -18.40 10.30 1.49
N GLN A 240 -18.93 9.25 2.12
N GLN A 240 -18.90 9.25 2.12
CA GLN A 240 -18.76 9.02 3.59
CA GLN A 240 -18.73 9.13 3.59
C GLN A 240 -17.25 8.90 3.90
C GLN A 240 -17.22 8.92 3.90
N ALA A 241 -16.51 8.18 3.06
CA ALA A 241 -15.08 7.97 3.24
C ALA A 241 -14.36 9.30 3.06
N VAL A 242 -14.73 10.08 2.06
CA VAL A 242 -14.15 11.42 1.86
C VAL A 242 -14.40 12.26 3.11
N ALA A 243 -15.62 12.29 3.62
CA ALA A 243 -15.94 13.06 4.83
C ALA A 243 -15.04 12.62 5.97
N TRP A 244 -14.84 11.33 6.13
CA TRP A 244 -13.92 10.82 7.18
C TRP A 244 -12.52 11.36 6.92
N GLY A 245 -12.06 11.34 5.68
CA GLY A 245 -10.71 11.88 5.34
C GLY A 245 -10.59 13.34 5.72
N LEU A 246 -11.66 14.11 5.49
CA LEU A 246 -11.64 15.55 5.77
C LEU A 246 -11.47 15.70 7.28
N LYS A 247 -12.11 14.86 8.11
CA LYS A 247 -11.99 14.91 9.59
C LYS A 247 -10.57 14.49 10.01
N ARG A 248 -9.97 13.52 9.32
CA ARG A 248 -8.62 13.03 9.64
C ARG A 248 -7.57 14.13 9.38
N LEU A 249 -7.74 14.93 8.35
CA LEU A 249 -6.74 15.95 7.99
C LEU A 249 -6.96 17.17 8.88
N CYS A 250 -6.00 17.53 9.70
N CYS A 250 -5.94 17.50 9.66
CA CYS A 250 -6.20 18.72 10.53
CA CYS A 250 -5.90 18.70 10.53
C CYS A 250 -5.94 19.94 9.62
C CYS A 250 -5.88 19.94 9.62
N PRO A 251 -6.35 21.11 10.11
CA PRO A 251 -6.16 22.37 9.37
C PRO A 251 -4.73 22.69 8.88
N GLN A 252 -3.72 22.19 9.61
CA GLN A 252 -2.31 22.41 9.24
C GLN A 252 -1.94 21.59 8.00
N GLY A 253 -2.73 20.59 7.64
CA GLY A 253 -2.57 19.82 6.40
C GLY A 253 -1.95 18.47 6.60
N PHE A 254 -2.09 17.88 7.78
CA PHE A 254 -1.58 16.53 8.01
C PHE A 254 -2.58 15.71 8.82
N VAL A 255 -2.42 14.40 8.65
CA VAL A 255 -3.07 13.39 9.50
C VAL A 255 -2.14 13.19 10.70
N ALA A 256 -2.66 13.45 11.88
CA ALA A 256 -1.98 13.21 13.16
C ALA A 256 -2.24 11.78 13.62
N THR A 257 -1.21 11.16 14.14
CA THR A 257 -1.28 9.80 14.74
C THR A 257 -0.69 9.85 16.15
N SER A 258 -0.94 8.83 16.93
CA SER A 258 -0.33 8.68 18.27
C SER A 258 1.20 8.70 18.13
N LYS A 259 1.74 8.05 17.10
CA LYS A 259 3.20 7.95 16.87
C LYS A 259 3.74 9.27 16.34
N HIS A 260 3.00 9.90 15.43
CA HIS A 260 3.38 11.19 14.80
C HIS A 260 2.30 12.24 15.06
N PRO A 261 2.24 12.77 16.28
CA PRO A 261 1.16 13.68 16.59
C PRO A 261 1.23 15.00 15.83
N ASN A 262 2.39 15.30 15.19
CA ASN A 262 2.57 16.45 14.31
C ASN A 262 2.56 16.04 12.83
N GLY A 263 2.07 14.84 12.52
CA GLY A 263 1.77 14.44 11.15
C GLY A 263 2.60 13.26 10.65
N SER A 264 1.89 12.30 10.09
CA SER A 264 2.45 11.12 9.38
C SER A 264 2.51 11.42 7.90
N THR A 265 3.68 11.37 7.29
CA THR A 265 3.78 11.55 5.83
C THR A 265 3.00 10.48 5.08
N PHE A 266 3.08 9.24 5.51
CA PHE A 266 2.40 8.08 4.84
C PHE A 266 0.88 8.22 4.95
N ALA A 267 0.39 8.49 6.14
CA ALA A 267 -1.04 8.57 6.36
C ALA A 267 -1.57 9.81 5.61
N THR A 268 -0.85 10.91 5.61
CA THR A 268 -1.27 12.14 4.92
C THR A 268 -1.33 11.93 3.44
N ALA A 269 -0.36 11.23 2.87
CA ALA A 269 -0.35 10.98 1.41
C ALA A 269 -1.57 10.15 1.03
N TRP A 270 -1.83 9.10 1.78
CA TRP A 270 -3.01 8.25 1.46
C TRP A 270 -4.31 9.05 1.66
N CYS A 271 -4.39 9.91 2.67
CA CYS A 271 -5.57 10.75 2.87
C CYS A 271 -5.72 11.71 1.70
N LEU A 272 -4.64 12.27 1.18
CA LEU A 272 -4.72 13.13 0.01
C LEU A 272 -5.27 12.35 -1.19
N ARG A 273 -4.83 11.11 -1.40
CA ARG A 273 -5.43 10.29 -2.50
C ARG A 273 -6.93 10.12 -2.27
N LEU A 274 -7.32 9.80 -1.05
CA LEU A 274 -8.77 9.63 -0.75
C LEU A 274 -9.53 10.90 -1.11
N LEU A 275 -9.02 12.06 -0.77
CA LEU A 275 -9.73 13.34 -0.99
C LEU A 275 -9.83 13.70 -2.48
N LEU A 276 -9.08 13.03 -3.36
CA LEU A 276 -9.23 13.25 -4.82
C LEU A 276 -10.54 12.65 -5.35
N LEU A 277 -11.25 11.90 -4.54
CA LEU A 277 -12.48 11.24 -5.01
C LEU A 277 -13.68 12.17 -4.96
N ASN A 278 -13.47 13.38 -4.49
CA ASN A 278 -14.54 14.42 -4.57
C ASN A 278 -13.90 15.67 -5.17
N THR A 279 -14.33 16.05 -6.37
CA THR A 279 -13.67 17.19 -7.05
C THR A 279 -14.55 18.42 -7.10
N VAL A 280 -15.69 18.41 -6.39
CA VAL A 280 -16.65 19.54 -6.42
C VAL A 280 -16.66 20.32 -5.11
N ASP A 281 -16.50 19.69 -3.97
CA ASP A 281 -16.64 20.34 -2.65
C ASP A 281 -15.46 21.30 -2.40
N ALA A 282 -15.74 22.53 -2.03
CA ALA A 282 -14.71 23.56 -1.81
C ALA A 282 -13.90 23.22 -0.56
N GLU A 283 -14.49 22.67 0.49
CA GLU A 283 -13.73 22.35 1.73
C GLU A 283 -12.74 21.23 1.41
N VAL A 284 -13.16 20.23 0.63
CA VAL A 284 -12.26 19.13 0.23
C VAL A 284 -11.10 19.70 -0.59
N LYS A 285 -11.36 20.59 -1.52
CA LYS A 285 -10.32 21.15 -2.38
C LYS A 285 -9.32 21.92 -1.48
N ALA A 286 -9.81 22.69 -0.51
CA ALA A 286 -8.93 23.43 0.41
C ALA A 286 -8.08 22.47 1.27
N ALA A 287 -8.66 21.35 1.70
CA ALA A 287 -7.95 20.38 2.54
C ALA A 287 -6.84 19.76 1.67
N ARG A 288 -7.10 19.43 0.44
CA ARG A 288 -6.02 18.89 -0.44
C ARG A 288 -4.90 19.90 -0.62
N ALA A 289 -5.23 21.16 -0.81
CA ALA A 289 -4.24 22.24 -0.93
C ALA A 289 -3.37 22.28 0.33
N ALA A 290 -3.99 22.15 1.49
CA ALA A 290 -3.27 22.21 2.78
C ALA A 290 -2.31 21.02 2.90
N ALA A 291 -2.80 19.83 2.56
CA ALA A 291 -1.97 18.60 2.56
C ALA A 291 -0.78 18.74 1.61
N ILE A 292 -1.01 19.23 0.43
CA ILE A 292 0.10 19.47 -0.54
C ILE A 292 1.11 20.41 0.12
N GLY A 293 0.66 21.53 0.70
CA GLY A 293 1.60 22.47 1.30
C GLY A 293 2.42 21.82 2.39
N TRP A 294 1.80 21.05 3.25
CA TRP A 294 2.54 20.41 4.35
C TRP A 294 3.53 19.40 3.79
N LEU A 295 3.11 18.55 2.88
CA LEU A 295 4.03 17.56 2.28
C LEU A 295 5.19 18.27 1.60
N LEU A 296 4.99 19.38 0.91
CA LEU A 296 6.13 20.07 0.29
C LEU A 296 7.10 20.56 1.37
N GLU A 297 6.60 21.06 2.49
N GLU A 297 6.61 21.05 2.48
CA GLU A 297 7.45 21.58 3.60
CA GLU A 297 7.51 21.57 3.54
C GLU A 297 8.26 20.43 4.22
C GLU A 297 8.28 20.42 4.21
N GLN A 298 7.69 19.23 4.26
CA GLN A 298 8.30 18.08 4.97
C GLN A 298 9.39 17.37 4.15
N GLN A 299 9.50 17.60 2.88
CA GLN A 299 10.45 16.86 2.05
C GLN A 299 11.87 17.14 2.55
N ARG A 300 12.67 16.09 2.56
CA ARG A 300 14.12 16.17 2.94
C ARG A 300 14.94 16.67 1.75
N PRO A 301 16.14 17.20 2.05
CA PRO A 301 17.01 17.68 0.99
C PRO A 301 17.32 16.70 -0.13
N ASN A 302 17.36 15.40 0.20
CA ASN A 302 17.72 14.38 -0.81
C ASN A 302 16.50 13.95 -1.64
N GLY A 303 15.34 14.55 -1.39
CA GLY A 303 14.13 14.32 -2.13
C GLY A 303 13.19 13.32 -1.46
N SER A 304 13.64 12.61 -0.43
CA SER A 304 12.83 11.64 0.30
C SER A 304 11.89 12.35 1.28
N TRP A 305 10.97 11.58 1.81
CA TRP A 305 10.21 11.93 3.04
C TRP A 305 10.62 10.93 4.15
N VAL A 306 10.50 11.39 5.39
CA VAL A 306 10.73 10.62 6.61
C VAL A 306 9.84 9.39 6.58
N SER A 307 10.41 8.23 6.84
CA SER A 307 9.73 6.93 6.92
C SER A 307 8.58 6.99 7.91
N SER A 308 7.41 6.51 7.45
CA SER A 308 6.26 6.39 8.34
C SER A 308 5.30 5.30 7.85
N ALA A 309 5.78 4.38 7.04
CA ALA A 309 4.95 3.28 6.51
C ALA A 309 5.02 2.14 7.52
N TYR A 310 4.08 2.15 8.47
CA TYR A 310 4.13 1.22 9.61
C TYR A 310 3.34 -0.02 9.26
N LEU A 311 4.05 -1.12 9.26
CA LEU A 311 3.58 -2.47 8.98
C LEU A 311 3.55 -3.20 10.30
N ARG A 312 2.43 -3.75 10.66
CA ARG A 312 2.35 -4.51 11.89
C ARG A 312 2.24 -6.00 11.63
N ILE A 313 2.78 -6.71 12.61
CA ILE A 313 2.81 -8.18 12.53
C ILE A 313 1.91 -8.73 13.65
N PRO A 314 0.62 -9.04 13.37
CA PRO A 314 -0.21 -9.64 14.38
C PRO A 314 0.31 -11.04 14.69
N TYR A 315 -0.12 -11.57 15.83
CA TYR A 315 0.05 -13.01 16.04
C TYR A 315 -0.73 -13.73 14.95
N PRO A 316 -0.26 -14.90 14.49
CA PRO A 316 -0.93 -15.61 13.39
C PRO A 316 -2.40 -15.97 13.63
N PHE A 317 -2.79 -16.06 14.90
CA PHE A 317 -4.16 -16.45 15.29
C PHE A 317 -5.07 -15.22 15.41
N ASP A 318 -4.52 -14.01 15.30
CA ASP A 318 -5.28 -12.78 15.63
C ASP A 318 -6.08 -12.31 14.42
N ARG A 319 -7.40 -12.47 14.47
CA ARG A 319 -8.27 -11.97 13.41
C ARG A 319 -8.58 -10.49 13.55
N ASN A 320 -8.22 -9.86 14.65
CA ASN A 320 -8.66 -8.49 14.94
C ASN A 320 -7.54 -7.60 15.42
N PRO A 321 -6.51 -7.32 14.58
CA PRO A 321 -5.36 -6.54 15.04
C PRO A 321 -5.71 -5.09 15.39
N ASN A 322 -6.85 -4.57 14.89
CA ASN A 322 -7.28 -3.23 15.30
C ASN A 322 -7.82 -3.23 16.73
N GLN A 323 -7.97 -4.41 17.32
CA GLN A 323 -8.42 -4.58 18.71
C GLN A 323 -7.27 -5.11 19.58
N PHE A 324 -6.04 -5.03 19.07
CA PHE A 324 -4.83 -5.43 19.82
C PHE A 324 -4.18 -4.18 20.37
N PRO A 325 -4.21 -3.94 21.69
CA PRO A 325 -3.74 -2.68 22.23
C PRO A 325 -2.24 -2.62 22.52
N HIS A 326 -1.55 -3.74 22.29
CA HIS A 326 -0.18 -3.97 22.80
C HIS A 326 0.94 -3.61 21.81
N TRP A 327 0.62 -3.07 20.65
CA TRP A 327 1.61 -2.81 19.61
C TRP A 327 2.79 -2.06 20.24
N ARG A 328 3.97 -2.50 19.84
CA ARG A 328 5.22 -1.82 20.14
C ARG A 328 6.02 -1.69 18.85
N TYR A 329 6.88 -0.69 18.75
CA TYR A 329 7.76 -0.50 17.57
C TYR A 329 8.99 -1.39 17.77
N TYR A 330 9.19 -2.32 16.85
CA TYR A 330 10.22 -3.38 16.97
C TYR A 330 11.61 -2.79 17.27
N ASP A 331 11.96 -1.72 16.58
CA ASP A 331 13.28 -1.09 16.65
C ASP A 331 13.49 -0.44 18.02
N GLU A 332 12.43 -0.21 18.81
CA GLU A 332 12.51 0.48 20.12
C GLU A 332 12.47 -0.52 21.27
N ILE A 333 12.16 -1.78 21.03
CA ILE A 333 12.04 -2.79 22.12
C ILE A 333 13.42 -3.08 22.69
N GLU A 334 13.57 -2.92 24.01
CA GLU A 334 14.82 -3.28 24.71
C GLU A 334 14.73 -4.75 25.13
N GLY A 335 15.83 -5.48 24.97
CA GLY A 335 15.92 -6.87 25.42
C GLY A 335 15.24 -7.80 24.45
N ASP A 336 14.86 -8.98 24.94
CA ASP A 336 14.25 -10.07 24.15
C ASP A 336 13.08 -9.49 23.38
N LYS A 337 12.92 -9.90 22.14
CA LYS A 337 11.75 -9.42 21.41
C LYS A 337 11.41 -10.38 20.32
N ARG A 338 10.20 -10.24 19.84
CA ARG A 338 9.66 -11.06 18.74
C ARG A 338 8.96 -10.12 17.76
N PHE A 339 8.69 -10.63 16.59
CA PHE A 339 7.98 -9.82 15.58
C PHE A 339 6.48 -9.70 15.90
N GLU A 340 5.87 -10.75 16.45
CA GLU A 340 4.44 -10.74 16.73
C GLU A 340 4.16 -9.66 17.78
N GLY A 341 3.15 -8.84 17.48
CA GLY A 341 2.78 -7.71 18.32
C GLY A 341 3.66 -6.50 18.13
N SER A 342 4.51 -6.53 17.11
CA SER A 342 5.38 -5.38 16.85
CA SER A 342 5.45 -5.44 16.80
C SER A 342 5.07 -4.73 15.50
N ILE A 343 5.60 -3.52 15.37
CA ILE A 343 5.46 -2.70 14.16
C ILE A 343 6.84 -2.44 13.59
N ILE A 344 6.99 -2.67 12.31
CA ILE A 344 8.21 -2.31 11.59
C ILE A 344 7.94 -1.18 10.61
N PHE A 345 8.98 -0.62 10.05
CA PHE A 345 8.82 0.52 9.12
C PHE A 345 9.82 0.39 7.97
N ASP A 346 9.65 1.25 7.02
CA ASP A 346 10.43 1.26 5.79
C ASP A 346 11.72 2.04 6.08
N HIS A 347 12.76 1.35 6.50
CA HIS A 347 14.03 1.96 6.94
C HIS A 347 14.69 2.73 5.80
N ASN A 348 14.48 2.37 4.53
CA ASN A 348 15.13 3.10 3.41
C ASN A 348 14.33 4.34 2.99
N SER A 349 13.13 4.52 3.54
CA SER A 349 12.20 5.62 3.17
C SER A 349 11.71 5.49 1.74
N ILE A 350 11.95 4.35 1.09
CA ILE A 350 11.53 4.16 -0.31
C ILE A 350 10.00 4.03 -0.38
N PHE A 351 9.44 3.20 0.49
CA PHE A 351 8.00 2.93 0.44
C PHE A 351 7.23 4.24 0.72
N THR A 352 7.65 4.98 1.73
CA THR A 352 7.00 6.28 2.08
C THR A 352 7.16 7.26 0.93
N THR A 353 8.37 7.42 0.43
CA THR A 353 8.65 8.42 -0.59
C THR A 353 7.83 8.13 -1.84
N ALA A 354 7.75 6.86 -2.26
CA ALA A 354 6.95 6.51 -3.45
C ALA A 354 5.48 6.89 -3.21
N THR A 355 4.98 6.62 -2.01
CA THR A 355 3.59 6.96 -1.68
C THR A 355 3.36 8.46 -1.81
N VAL A 356 4.22 9.24 -1.20
CA VAL A 356 4.03 10.70 -1.20
C VAL A 356 4.10 11.22 -2.63
N VAL A 357 5.10 10.82 -3.38
CA VAL A 357 5.25 11.36 -4.75
C VAL A 357 4.03 11.00 -5.60
N ASN A 358 3.51 9.80 -5.45
CA ASN A 358 2.29 9.46 -6.19
C ASN A 358 1.11 10.38 -5.82
N SER A 359 0.94 10.66 -4.55
CA SER A 359 -0.18 11.48 -4.10
C SER A 359 -0.03 12.86 -4.67
N LEU A 360 1.18 13.38 -4.73
CA LEU A 360 1.42 14.77 -5.24
C LEU A 360 1.17 14.84 -6.75
N VAL A 361 1.59 13.83 -7.49
CA VAL A 361 1.37 13.80 -8.95
C VAL A 361 -0.16 13.76 -9.18
N LYS A 362 -0.89 12.91 -8.45
CA LYS A 362 -2.34 12.81 -8.66
C LYS A 362 -3.08 14.07 -8.21
N ALA A 363 -2.59 14.77 -7.17
CA ALA A 363 -3.34 15.91 -6.60
C ALA A 363 -3.06 17.20 -7.35
N ALA A 364 -1.90 17.33 -7.96
CA ALA A 364 -1.47 18.63 -8.53
C ALA A 364 -2.49 19.20 -9.51
N PRO A 365 -3.09 18.43 -10.44
CA PRO A 365 -4.00 19.03 -11.41
C PRO A 365 -5.28 19.55 -10.76
N MET A 366 -5.59 19.13 -9.54
CA MET A 366 -6.85 19.52 -8.85
C MET A 366 -6.56 20.64 -7.84
N LEU A 367 -5.31 21.13 -7.82
CA LEU A 367 -4.95 22.37 -7.07
C LEU A 367 -5.88 23.50 -7.50
C1 GOL B . -12.85 5.77 13.07
O1 GOL B . -13.72 4.64 13.05
C2 GOL B . -11.41 5.37 12.87
O2 GOL B . -11.00 4.27 13.68
C3 GOL B . -10.50 6.52 13.11
O3 GOL B . -11.14 7.70 12.64
C1 GOL C . 15.40 19.94 -2.73
O1 GOL C . 15.68 19.18 -3.90
C2 GOL C . 13.99 19.72 -2.30
O2 GOL C . 13.90 18.41 -1.75
C3 GOL C . 13.00 19.85 -3.43
O3 GOL C . 12.99 21.18 -3.97
C1 GOL D . 2.85 -8.67 23.82
O1 GOL D . 3.23 -10.00 24.16
C2 GOL D . 3.59 -8.24 22.58
O2 GOL D . 3.42 -9.28 21.60
C3 GOL D . 3.12 -6.91 22.04
O3 GOL D . 4.18 -6.08 21.56
C1 GOL E . -0.76 3.87 -10.34
O1 GOL E . 0.16 4.88 -10.74
C2 GOL E . -1.25 4.22 -8.95
O2 GOL E . -1.85 5.53 -8.89
C3 GOL E . -2.19 3.14 -8.42
O3 GOL E . -2.01 2.95 -7.00
C1 GOL F . 9.10 22.02 -15.25
O1 GOL F . 7.93 22.81 -15.29
C2 GOL F . 10.25 22.75 -14.63
O2 GOL F . 10.54 23.94 -15.36
C3 GOL F . 10.04 23.07 -13.16
O3 GOL F . 11.21 23.73 -12.66
C1 GOL G . 3.73 -0.29 24.73
O1 GOL G . 4.36 -1.42 25.28
C2 GOL G . 2.55 0.12 25.58
O2 GOL G . 2.96 0.57 26.87
C3 GOL G . 1.78 1.24 24.92
O3 GOL G . 2.39 1.71 23.71
C1 PEG H . -18.17 14.57 0.97
O1 PEG H . -19.42 14.41 0.34
C2 PEG H . -18.08 16.01 1.45
O2 PEG H . -17.23 16.13 2.58
C3 PEG H . -17.70 17.04 3.58
C4 PEG H . -18.43 16.30 4.67
O4 PEG H . -17.93 16.57 6.00
C4 L4E I . 2.54 -7.08 1.97
C5 L4E I . 1.40 -7.12 2.80
C6 L4E I . 0.61 -8.31 3.04
C7 L4E I . 1.03 -5.90 3.56
C8 L4E I . 3.35 -10.66 3.33
C10 L4E I . 3.37 -8.69 5.84
C13 L4E I . 4.11 -11.54 7.20
C15 L4E I . 6.63 -11.89 5.48
C17 L4E I . 7.27 -12.80 7.70
C20 L4E I . 7.06 -12.32 10.18
C21 L4E I . 7.84 -13.34 10.87
C22 L4E I . 8.99 -13.92 10.33
C24 L4E I . 9.26 -15.39 12.22
C26 L4E I . 7.40 -13.82 12.09
C3 L4E I . 3.05 -8.16 1.14
C2 L4E I . 4.32 -8.72 1.90
C1 L4E I . 3.90 -9.29 3.25
C9 L4E I . 3.92 -8.38 4.44
C11 L4E I . 4.40 -9.00 6.86
C12 L4E I . 4.89 -10.39 6.66
C14 L4E I . 6.07 -10.55 5.81
C16 L4E I . 7.79 -12.32 6.37
C18 L4E I . 6.64 -14.15 7.73
C19 L4E I . 7.45 -11.96 8.79
C23 L4E I . 9.73 -14.94 11.00
C29 L4E I . 10.92 -15.48 10.41
O31 L4E I . 11.34 -15.02 9.29
O30 L4E I . 11.52 -16.45 10.98
C25 L4E I . 8.09 -14.84 12.78
O28 L4E I . 7.66 -15.31 13.96
O27 L4E I . 6.24 -13.28 12.62
#